data_6GP9
#
_entry.id   6GP9
#
_cell.length_a   63.290
_cell.length_b   87.050
_cell.length_c   96.720
_cell.angle_alpha   90.00
_cell.angle_beta   90.00
_cell.angle_gamma   90.00
#
_symmetry.space_group_name_H-M   'P 21 21 21'
#
loop_
_entity.id
_entity.type
_entity.pdbx_description
1 polymer 'RNA-directed RNA polymerase'
2 water water
#
_entity_poly.entity_id   1
_entity_poly.type   'polypeptide(L)'
_entity_poly.pdbx_seq_one_letter_code
;MSMSYSWTGALVTPCAAEESKLPISPLSNSLLRHHNMVYATTTRSAVTRQKKVTFDRLQVVDSHYNEVLKEIKARASRVK
ARLLTTEEACDLTPPHSARSKFGYGAKDVRSHSRKAINHISSVWKDLLDDNNTPIPTTIMAKNEVFAVNPAKGGRKPARL
IVYPDLGVRVCEKRALHDVIKKLPEAVMGAAYGFQYSPAQRVEFLLTAWKSKKTPMGFSYDTRCFDSTVTEKDIRVEEEV
YQCCDLEPEARKVITALTDRLYVGGPMHNSKGDLCGYRRCRASGVYTTSFGNTLTCYLKATAAIRAAGLRDCTMLVCGDD
LVVIAESDGVEEDNRALRAFTEAMTRYSAPPGDAPQPAYDLELITSCSSNVSVAHDVTGKKVYYLTRDPETPLARAAWET
VRHTPVNSWLGNIIVYAPTIWVRMILMTHFFSILQSQEALEKALDFDMYGVTYSITPLDLPAIIQRLHGLSAFTLHGYSP
HELNRVAGALRKLGVPPLRAWRHRARAVRAKLIAQGGRAKICGIYLFNWAVKTKLKLTPLPAAAKLDLSGWFTVGAGGGD
IYHSMSHARHHHHHH
;
_entity_poly.pdbx_strand_id   A
#
# COMPACT_ATOMS: atom_id res chain seq x y z
N SER A 2 -25.47 -2.91 -13.55
CA SER A 2 -24.54 -3.47 -14.57
C SER A 2 -23.50 -4.37 -13.93
N MET A 3 -23.08 -5.38 -14.69
CA MET A 3 -22.00 -6.28 -14.31
C MET A 3 -20.66 -5.54 -14.33
N SER A 4 -19.84 -5.79 -13.30
CA SER A 4 -18.48 -5.26 -13.20
C SER A 4 -17.65 -5.65 -14.43
N TYR A 5 -17.81 -6.91 -14.86
CA TYR A 5 -17.10 -7.46 -16.00
C TYR A 5 -18.01 -8.38 -16.80
N SER A 6 -17.74 -8.47 -18.10
CA SER A 6 -18.32 -9.53 -18.94
C SER A 6 -17.13 -10.30 -19.48
N TRP A 7 -17.25 -11.62 -19.62
CA TRP A 7 -16.11 -12.43 -20.06
C TRP A 7 -16.42 -13.20 -21.33
N THR A 8 -15.42 -13.38 -22.17
CA THR A 8 -15.56 -14.14 -23.40
C THR A 8 -15.25 -15.63 -23.19
N GLY A 9 -14.40 -15.92 -22.21
CA GLY A 9 -13.95 -17.29 -22.02
C GLY A 9 -12.48 -17.48 -22.32
N ALA A 10 -11.86 -16.52 -23.03
CA ALA A 10 -10.41 -16.49 -23.19
C ALA A 10 -9.73 -16.45 -21.80
N LEU A 11 -8.60 -17.14 -21.66
CA LEU A 11 -7.86 -17.15 -20.40
C LEU A 11 -6.98 -15.92 -20.16
N VAL A 12 -6.77 -15.55 -18.89
CA VAL A 12 -5.69 -14.62 -18.55
C VAL A 12 -4.38 -15.41 -18.65
N THR A 13 -3.52 -14.99 -19.57
CA THR A 13 -2.33 -15.73 -19.95
C THR A 13 -1.05 -15.08 -19.34
N PRO A 14 0.00 -15.90 -19.05
CA PRO A 14 1.27 -15.36 -18.54
C PRO A 14 2.22 -15.01 -19.67
N CYS A 15 3.03 -13.98 -19.47
CA CYS A 15 4.25 -13.83 -20.25
C CYS A 15 5.38 -14.53 -19.46
N ALA A 16 5.44 -14.28 -18.13
CA ALA A 16 6.42 -14.89 -17.21
C ALA A 16 6.29 -16.42 -17.10
N ALA A 17 7.35 -17.07 -16.63
CA ALA A 17 7.35 -18.51 -16.35
C ALA A 17 6.50 -18.86 -15.12
N GLU A 18 6.53 -17.98 -14.10
CA GLU A 18 5.71 -18.05 -12.85
C GLU A 18 5.88 -19.29 -11.94
N GLU A 19 6.73 -19.18 -10.91
CA GLU A 19 6.80 -20.22 -9.90
C GLU A 19 5.82 -19.92 -8.78
N SER A 20 5.07 -20.95 -8.40
CA SER A 20 4.11 -20.83 -7.31
C SER A 20 4.68 -21.17 -5.93
N LYS A 21 5.52 -22.19 -5.82
CA LYS A 21 6.03 -22.62 -4.52
C LYS A 21 7.26 -21.85 -4.06
N LEU A 22 7.62 -22.07 -2.79
CA LEU A 22 8.78 -21.42 -2.22
C LEU A 22 10.02 -22.29 -2.30
N PRO A 23 11.09 -21.79 -2.98
CA PRO A 23 12.28 -22.64 -2.94
C PRO A 23 12.71 -22.98 -1.54
N ILE A 24 13.17 -24.19 -1.37
CA ILE A 24 13.64 -24.67 -0.09
C ILE A 24 15.14 -24.46 -0.13
N SER A 25 15.69 -23.88 0.92
CA SER A 25 17.13 -23.58 0.95
C SER A 25 17.60 -23.34 2.39
N PRO A 26 18.85 -23.75 2.77
CA PRO A 26 19.30 -23.55 4.19
C PRO A 26 19.13 -22.12 4.71
N LEU A 27 19.31 -21.11 3.84
CA LEU A 27 19.00 -19.71 4.13
C LEU A 27 17.52 -19.40 4.25
N SER A 28 16.75 -19.85 3.26
CA SER A 28 15.29 -19.82 3.26
C SER A 28 14.79 -20.50 4.53
N ASN A 29 15.35 -21.68 4.81
CA ASN A 29 14.92 -22.48 5.93
C ASN A 29 15.50 -22.12 7.27
N SER A 30 16.57 -21.34 7.31
CA SER A 30 16.99 -20.74 8.58
C SER A 30 16.00 -19.67 9.03
N LEU A 31 15.33 -19.02 8.08
CA LEU A 31 14.31 -18.03 8.41
C LEU A 31 12.96 -18.68 8.70
N LEU A 32 12.47 -19.49 7.77
CA LEU A 32 11.14 -20.07 7.87
C LEU A 32 11.13 -21.53 7.32
N ARG A 33 10.65 -22.47 8.14
CA ARG A 33 10.80 -23.91 7.87
C ARG A 33 9.58 -24.50 7.18
N HIS A 34 8.43 -23.85 7.36
CA HIS A 34 7.23 -24.29 6.69
C HIS A 34 7.12 -23.59 5.36
N HIS A 35 8.04 -23.90 4.46
CA HIS A 35 8.09 -23.35 3.10
C HIS A 35 6.76 -23.55 2.34
N ASN A 36 6.03 -24.63 2.64
CA ASN A 36 4.72 -24.94 2.03
C ASN A 36 3.65 -23.85 2.22
N MET A 37 3.84 -23.02 3.24
CA MET A 37 2.91 -21.96 3.62
C MET A 37 3.10 -20.68 2.84
N VAL A 38 4.32 -20.52 2.32
CA VAL A 38 4.66 -19.38 1.50
C VAL A 38 4.45 -19.72 0.04
N TYR A 39 3.74 -18.85 -0.67
CA TYR A 39 3.49 -19.06 -2.10
C TYR A 39 3.50 -17.74 -2.88
N ALA A 40 3.62 -17.85 -4.20
CA ALA A 40 3.34 -16.72 -5.08
C ALA A 40 2.06 -16.99 -5.87
N THR A 41 1.21 -15.97 -5.98
CA THR A 41 0.04 -16.01 -6.88
C THR A 41 0.52 -16.09 -8.34
N THR A 42 -0.24 -16.78 -9.19
CA THR A 42 0.13 -16.91 -10.61
C THR A 42 -1.14 -16.82 -11.48
N THR A 43 -0.99 -16.71 -12.80
CA THR A 43 -2.14 -16.69 -13.74
C THR A 43 -3.01 -17.93 -13.59
N ARG A 44 -2.47 -19.01 -13.02
CA ARG A 44 -3.23 -20.25 -12.91
C ARG A 44 -4.55 -20.05 -12.14
N SER A 45 -4.55 -19.09 -11.20
CA SER A 45 -5.69 -18.85 -10.34
C SER A 45 -6.47 -17.60 -10.72
N ALA A 46 -6.17 -17.01 -11.89
CA ALA A 46 -6.84 -15.79 -12.33
C ALA A 46 -8.33 -16.01 -12.43
N VAL A 47 -8.69 -17.20 -12.92
CA VAL A 47 -10.08 -17.57 -13.16
C VAL A 47 -10.94 -17.57 -11.83
N THR A 48 -10.32 -17.97 -10.72
CA THR A 48 -10.96 -17.93 -9.40
C THR A 48 -11.20 -16.47 -9.01
N ARG A 49 -10.23 -15.61 -9.26
CA ARG A 49 -10.37 -14.18 -8.98
C ARG A 49 -11.43 -13.56 -9.88
N GLN A 50 -11.42 -13.88 -11.17
CA GLN A 50 -12.42 -13.37 -12.12
C GLN A 50 -13.83 -13.63 -11.61
N LYS A 51 -14.10 -14.83 -11.11
CA LYS A 51 -15.41 -15.15 -10.52
C LYS A 51 -15.75 -14.24 -9.35
N LYS A 52 -14.82 -14.05 -8.41
CA LYS A 52 -15.04 -13.22 -7.21
C LYS A 52 -15.32 -11.75 -7.54
N VAL A 53 -14.63 -11.22 -8.54
CA VAL A 53 -14.73 -9.79 -8.87
C VAL A 53 -15.89 -9.45 -9.82
N THR A 54 -16.57 -10.48 -10.29
CA THR A 54 -17.64 -10.29 -11.28
C THR A 54 -19.00 -10.35 -10.62
N PHE A 55 -19.68 -9.21 -10.57
CA PHE A 55 -21.02 -9.10 -9.97
C PHE A 55 -21.79 -7.87 -10.44
N ASP A 56 -23.10 -7.91 -10.25
CA ASP A 56 -23.97 -6.78 -10.50
C ASP A 56 -23.83 -5.74 -9.38
N ARG A 57 -23.82 -4.46 -9.75
CA ARG A 57 -23.76 -3.37 -8.78
C ARG A 57 -25.06 -2.59 -8.79
N LEU A 58 -25.68 -2.54 -7.62
CA LEU A 58 -26.86 -1.72 -7.41
C LEU A 58 -26.42 -0.46 -6.65
N GLN A 59 -26.88 0.71 -7.09
CA GLN A 59 -26.48 1.96 -6.45
C GLN A 59 -27.68 2.87 -6.25
N VAL A 60 -27.88 3.31 -5.00
CA VAL A 60 -28.92 4.27 -4.67
C VAL A 60 -28.26 5.42 -3.93
N VAL A 61 -28.29 6.60 -4.56
CA VAL A 61 -27.71 7.84 -4.00
C VAL A 61 -28.79 8.61 -3.22
N ASP A 62 -28.46 9.10 -2.03
CA ASP A 62 -29.41 9.90 -1.27
C ASP A 62 -28.90 11.31 -1.09
N SER A 63 -29.64 12.09 -0.30
CA SER A 63 -29.30 13.46 0.05
C SER A 63 -27.94 13.60 0.75
N HIS A 64 -27.63 12.66 1.63
CA HIS A 64 -26.37 12.68 2.38
C HIS A 64 -25.20 12.54 1.41
N TYR A 65 -25.32 11.61 0.45
CA TYR A 65 -24.29 11.45 -0.56
C TYR A 65 -24.08 12.72 -1.36
N ASN A 66 -25.19 13.33 -1.77
CA ASN A 66 -25.10 14.51 -2.60
C ASN A 66 -24.57 15.72 -1.82
N GLU A 67 -24.92 15.82 -0.54
CA GLU A 67 -24.41 16.86 0.35
C GLU A 67 -22.87 16.80 0.40
N VAL A 68 -22.33 15.61 0.65
CA VAL A 68 -20.88 15.39 0.72
C VAL A 68 -20.21 15.68 -0.61
N LEU A 69 -20.81 15.20 -1.69
CA LEU A 69 -20.26 15.46 -3.02
C LEU A 69 -20.14 16.98 -3.31
N LYS A 70 -21.15 17.74 -2.90
CA LYS A 70 -21.10 19.20 -3.03
C LYS A 70 -19.92 19.80 -2.25
N GLU A 71 -19.68 19.31 -1.04
CA GLU A 71 -18.55 19.77 -0.23
C GLU A 71 -17.22 19.51 -0.92
N ILE A 72 -17.10 18.32 -1.52
CA ILE A 72 -15.86 17.90 -2.18
C ILE A 72 -15.59 18.76 -3.40
N LYS A 73 -16.64 19.01 -4.19
CA LYS A 73 -16.50 19.82 -5.41
C LYS A 73 -16.15 21.26 -5.07
N ALA A 74 -16.69 21.77 -3.96
CA ALA A 74 -16.37 23.12 -3.49
C ALA A 74 -14.91 23.21 -3.06
N ARG A 75 -14.42 22.18 -2.37
CA ARG A 75 -13.01 22.12 -1.94
C ARG A 75 -12.06 22.00 -3.16
N ALA A 76 -12.49 21.23 -4.16
CA ALA A 76 -11.69 21.01 -5.38
C ALA A 76 -11.45 22.28 -6.18
N SER A 77 -12.39 23.22 -6.09
CA SER A 77 -12.28 24.50 -6.80
C SER A 77 -11.08 25.31 -6.34
N ARG A 78 -10.50 24.97 -5.18
CA ARG A 78 -9.34 25.71 -4.70
C ARG A 78 -8.03 25.28 -5.39
N VAL A 79 -8.09 24.20 -6.17
CA VAL A 79 -6.91 23.65 -6.81
C VAL A 79 -6.65 24.29 -8.19
N LYS A 80 -5.43 24.77 -8.41
CA LYS A 80 -4.99 25.11 -9.77
C LYS A 80 -3.89 24.15 -10.19
N ALA A 81 -4.15 23.39 -11.24
CA ALA A 81 -3.25 22.31 -11.64
C ALA A 81 -2.75 22.52 -13.03
N ARG A 82 -1.47 22.24 -13.26
CA ARG A 82 -0.91 22.31 -14.60
C ARG A 82 -0.74 20.96 -15.31
N LEU A 83 -0.73 21.04 -16.63
CA LEU A 83 -0.26 19.99 -17.51
C LEU A 83 1.22 19.73 -17.28
N LEU A 84 1.63 18.47 -17.37
CA LEU A 84 3.06 18.13 -17.35
C LEU A 84 3.55 18.07 -18.76
N THR A 85 4.81 18.48 -19.00
CA THR A 85 5.39 18.31 -20.32
C THR A 85 5.67 16.82 -20.55
N THR A 86 5.79 16.43 -21.82
CA THR A 86 6.11 15.05 -22.14
C THR A 86 7.38 14.59 -21.40
N GLU A 87 8.40 15.45 -21.35
CA GLU A 87 9.64 15.11 -20.62
C GLU A 87 9.40 14.87 -19.13
N GLU A 88 8.59 15.71 -18.49
CA GLU A 88 8.23 15.55 -17.09
C GLU A 88 7.46 14.26 -16.83
N ALA A 89 6.54 13.93 -17.73
CA ALA A 89 5.74 12.74 -17.60
C ALA A 89 6.60 11.50 -17.84
N CYS A 90 7.52 11.60 -18.80
CA CYS A 90 8.46 10.51 -19.07
C CYS A 90 9.25 10.16 -17.82
N ASP A 91 9.68 11.20 -17.09
CA ASP A 91 10.48 11.06 -15.88
C ASP A 91 9.73 10.37 -14.75
N LEU A 92 8.40 10.39 -14.83
CA LEU A 92 7.57 9.76 -13.82
C LEU A 92 7.38 8.25 -14.03
N THR A 93 7.85 7.73 -15.16
CA THR A 93 7.68 6.32 -15.51
C THR A 93 8.63 5.42 -14.71
N PRO A 94 8.10 4.45 -13.92
CA PRO A 94 8.92 3.53 -13.13
C PRO A 94 9.76 2.65 -14.08
N PRO A 95 10.98 2.26 -13.67
CA PRO A 95 11.95 1.60 -14.55
C PRO A 95 11.46 0.30 -15.22
N HIS A 96 10.63 -0.45 -14.49
CA HIS A 96 10.20 -1.77 -14.95
C HIS A 96 8.74 -1.80 -15.38
N SER A 97 8.24 -0.61 -15.73
CA SER A 97 6.92 -0.44 -16.37
C SER A 97 6.79 -1.28 -17.65
N ALA A 98 5.63 -1.91 -17.86
CA ALA A 98 5.38 -2.76 -19.06
C ALA A 98 5.64 -2.07 -20.40
N ARG A 99 6.43 -2.71 -21.25
CA ARG A 99 6.72 -2.27 -22.63
C ARG A 99 5.46 -1.90 -23.40
N SER A 100 5.55 -0.93 -24.31
CA SER A 100 4.43 -0.61 -25.21
C SER A 100 4.32 -1.62 -26.34
N LYS A 101 3.08 -1.76 -26.87
CA LYS A 101 2.75 -2.50 -28.11
C LYS A 101 3.42 -1.89 -29.34
N PHE A 102 3.88 -0.66 -29.22
CA PHE A 102 4.37 0.09 -30.36
C PHE A 102 5.90 0.22 -30.44
N GLY A 103 6.61 -0.80 -29.95
CA GLY A 103 8.05 -0.94 -30.14
C GLY A 103 9.01 -0.17 -29.25
N TYR A 104 8.63 0.13 -28.02
CA TYR A 104 9.54 0.76 -27.06
C TYR A 104 9.16 0.40 -25.65
N GLY A 105 10.09 0.61 -24.70
CA GLY A 105 9.91 0.20 -23.30
C GLY A 105 10.09 1.35 -22.32
N ALA A 106 9.98 1.04 -21.02
CA ALA A 106 10.10 2.09 -20.00
C ALA A 106 11.48 2.72 -19.99
N LYS A 107 12.51 1.93 -20.29
CA LYS A 107 13.87 2.44 -20.44
C LYS A 107 13.94 3.55 -21.50
N ASP A 108 13.27 3.33 -22.64
CA ASP A 108 13.21 4.30 -23.74
C ASP A 108 12.48 5.57 -23.32
N VAL A 109 11.35 5.40 -22.66
CA VAL A 109 10.58 6.52 -22.16
C VAL A 109 11.43 7.34 -21.19
N ARG A 110 12.09 6.66 -20.25
CA ARG A 110 12.86 7.34 -19.23
C ARG A 110 14.08 8.06 -19.83
N SER A 111 14.61 7.53 -20.94
CA SER A 111 15.72 8.16 -21.70
C SER A 111 15.22 9.28 -22.62
N HIS A 112 13.90 9.49 -22.62
CA HIS A 112 13.23 10.44 -23.51
C HIS A 112 13.57 10.13 -24.94
N SER A 113 13.66 8.83 -25.28
CA SER A 113 13.92 8.37 -26.63
C SER A 113 12.93 8.99 -27.61
N ARG A 114 13.45 9.26 -28.80
CA ARG A 114 12.74 9.93 -29.88
C ARG A 114 11.52 9.08 -30.33
N LYS A 115 11.75 7.75 -30.43
CA LYS A 115 10.73 6.79 -30.84
C LYS A 115 9.56 6.95 -29.88
N ALA A 116 9.84 6.66 -28.61
CA ALA A 116 8.88 6.67 -27.54
C ALA A 116 8.10 8.02 -27.47
N ILE A 117 8.82 9.15 -27.48
CA ILE A 117 8.14 10.47 -27.36
C ILE A 117 7.10 10.63 -28.47
N ASN A 118 7.51 10.42 -29.73
CA ASN A 118 6.57 10.60 -30.86
C ASN A 118 5.29 9.83 -30.66
N HIS A 119 5.42 8.57 -30.22
CA HIS A 119 4.23 7.79 -30.01
C HIS A 119 3.40 8.45 -28.92
N ILE A 120 4.06 8.86 -27.85
CA ILE A 120 3.35 9.52 -26.76
C ILE A 120 2.61 10.78 -27.25
N SER A 121 3.28 11.59 -28.03
CA SER A 121 2.60 12.78 -28.49
C SER A 121 1.48 12.46 -29.50
N SER A 122 1.62 11.37 -30.29
CA SER A 122 0.52 10.95 -31.17
C SER A 122 -0.71 10.48 -30.36
N VAL A 123 -0.46 9.84 -29.22
CA VAL A 123 -1.54 9.39 -28.32
C VAL A 123 -2.23 10.60 -27.71
N TRP A 124 -1.44 11.59 -27.31
CA TRP A 124 -1.98 12.80 -26.71
C TRP A 124 -2.90 13.49 -27.73
N LYS A 125 -2.39 13.66 -28.94
CA LYS A 125 -3.18 14.28 -30.00
C LYS A 125 -4.46 13.50 -30.28
N ASP A 126 -4.41 12.17 -30.17
CA ASP A 126 -5.60 11.36 -30.38
C ASP A 126 -6.61 11.57 -29.25
N LEU A 127 -6.11 11.79 -28.04
CA LEU A 127 -7.01 12.05 -26.92
C LEU A 127 -7.75 13.37 -27.11
N LEU A 128 -7.04 14.35 -27.68
CA LEU A 128 -7.62 15.66 -28.01
C LEU A 128 -8.63 15.59 -29.16
N ASP A 129 -8.51 14.58 -30.03
CA ASP A 129 -9.33 14.42 -31.24
C ASP A 129 -10.55 13.54 -31.03
N ASP A 130 -10.38 12.52 -30.19
CA ASP A 130 -11.34 11.45 -30.07
C ASP A 130 -11.72 11.28 -28.59
N ASN A 131 -13.00 11.43 -28.30
CA ASN A 131 -13.51 11.34 -26.92
C ASN A 131 -14.41 10.14 -26.78
N ASN A 132 -14.40 9.23 -27.77
CA ASN A 132 -15.37 8.11 -27.79
C ASN A 132 -14.84 6.71 -27.85
N THR A 133 -13.84 6.45 -28.70
CA THR A 133 -13.36 5.09 -28.93
C THR A 133 -12.70 4.47 -27.70
N PRO A 134 -13.29 3.40 -27.15
CA PRO A 134 -12.70 2.77 -25.95
C PRO A 134 -11.27 2.34 -26.24
N ILE A 135 -10.38 2.53 -25.27
CA ILE A 135 -8.96 2.22 -25.44
C ILE A 135 -8.74 0.77 -24.99
N PRO A 136 -8.00 -0.04 -25.81
CA PRO A 136 -7.70 -1.43 -25.39
C PRO A 136 -6.84 -1.45 -24.15
N THR A 137 -6.99 -2.50 -23.36
CA THR A 137 -6.25 -2.66 -22.12
C THR A 137 -5.80 -4.10 -22.03
N THR A 138 -4.73 -4.36 -21.29
CA THR A 138 -4.24 -5.72 -21.10
C THR A 138 -4.62 -6.14 -19.69
N ILE A 139 -5.04 -7.40 -19.55
CA ILE A 139 -5.23 -8.03 -18.26
C ILE A 139 -4.10 -9.03 -18.02
N MET A 140 -3.52 -8.93 -16.83
CA MET A 140 -2.47 -9.84 -16.37
C MET A 140 -2.76 -10.27 -14.95
N ALA A 141 -2.35 -11.48 -14.59
CA ALA A 141 -2.39 -11.89 -13.19
C ALA A 141 -1.10 -11.43 -12.50
N LYS A 142 -1.26 -10.69 -11.40
CA LYS A 142 -0.10 -10.31 -10.58
C LYS A 142 0.53 -11.51 -9.90
N ASN A 143 1.84 -11.54 -9.92
CA ASN A 143 2.60 -12.56 -9.17
C ASN A 143 3.10 -11.93 -7.89
N GLU A 144 2.42 -12.20 -6.79
CA GLU A 144 2.81 -11.64 -5.48
C GLU A 144 2.91 -12.73 -4.45
N VAL A 145 3.77 -12.52 -3.45
CA VAL A 145 4.08 -13.55 -2.48
C VAL A 145 3.33 -13.35 -1.16
N PHE A 146 2.71 -14.41 -0.65
CA PHE A 146 2.02 -14.34 0.63
C PHE A 146 2.28 -15.59 1.47
N ALA A 147 1.96 -15.49 2.76
CA ALA A 147 1.85 -16.65 3.64
C ALA A 147 0.39 -17.01 3.73
N VAL A 148 0.11 -18.31 3.64
CA VAL A 148 -1.28 -18.78 3.64
C VAL A 148 -2.02 -18.35 4.91
N ASN A 149 -3.25 -17.92 4.69
CA ASN A 149 -4.08 -17.42 5.74
C ASN A 149 -5.06 -18.54 5.92
N PRO A 150 -4.87 -19.33 6.99
CA PRO A 150 -5.75 -20.46 7.27
C PRO A 150 -7.26 -20.15 7.25
N ALA A 151 -7.67 -18.94 7.68
CA ALA A 151 -9.09 -18.55 7.85
C ALA A 151 -9.68 -17.68 6.76
N LYS A 152 -8.83 -17.00 5.96
CA LYS A 152 -9.23 -16.51 4.62
C LYS A 152 -9.09 -17.67 3.61
N GLY A 153 -8.48 -18.77 4.07
CA GLY A 153 -8.58 -20.09 3.45
C GLY A 153 -7.52 -20.40 2.42
N GLY A 154 -6.47 -21.09 2.86
CA GLY A 154 -5.34 -21.46 2.00
C GLY A 154 -4.67 -20.30 1.26
N ARG A 155 -4.58 -20.45 -0.07
CA ARG A 155 -4.00 -19.43 -0.94
C ARG A 155 -5.05 -18.48 -1.51
N LYS A 156 -4.70 -17.20 -1.56
CA LYS A 156 -5.48 -16.22 -2.30
C LYS A 156 -5.23 -16.39 -3.82
N PRO A 157 -6.30 -16.25 -4.63
CA PRO A 157 -6.11 -16.18 -6.08
C PRO A 157 -5.32 -14.92 -6.47
N ALA A 158 -4.62 -14.95 -7.61
CA ALA A 158 -3.88 -13.77 -8.06
C ALA A 158 -4.76 -12.55 -8.22
N ARG A 159 -4.21 -11.39 -7.90
CA ARG A 159 -4.87 -10.12 -8.19
C ARG A 159 -4.75 -9.86 -9.67
N LEU A 160 -5.72 -9.17 -10.24
CA LEU A 160 -5.71 -8.95 -11.67
C LEU A 160 -5.35 -7.51 -11.92
N ILE A 161 -4.44 -7.28 -12.84
CA ILE A 161 -4.12 -5.93 -13.21
C ILE A 161 -4.58 -5.66 -14.60
N VAL A 162 -5.21 -4.50 -14.78
CA VAL A 162 -5.79 -4.12 -16.08
C VAL A 162 -5.24 -2.76 -16.38
N TYR A 163 -4.48 -2.66 -17.46
CA TYR A 163 -3.69 -1.46 -17.76
C TYR A 163 -3.67 -1.15 -19.25
N PRO A 164 -3.77 0.13 -19.61
CA PRO A 164 -3.67 0.51 -21.01
C PRO A 164 -2.21 0.51 -21.43
N ASP A 165 -1.93 0.81 -22.68
CA ASP A 165 -0.57 0.81 -23.23
C ASP A 165 0.34 1.85 -22.57
N LEU A 166 1.64 1.56 -22.57
CA LEU A 166 2.62 2.48 -22.02
C LEU A 166 2.48 3.92 -22.49
N GLY A 167 2.25 4.12 -23.79
CA GLY A 167 2.03 5.45 -24.35
C GLY A 167 0.91 6.20 -23.64
N VAL A 168 -0.22 5.53 -23.48
CA VAL A 168 -1.37 6.06 -22.76
C VAL A 168 -1.04 6.37 -21.31
N ARG A 169 -0.29 5.48 -20.66
CA ARG A 169 0.04 5.70 -19.25
C ARG A 169 0.86 6.98 -19.06
N VAL A 170 1.71 7.30 -20.02
CA VAL A 170 2.50 8.53 -19.94
C VAL A 170 1.57 9.74 -20.08
N CYS A 171 0.60 9.62 -20.99
CA CYS A 171 -0.42 10.67 -21.16
C CYS A 171 -1.28 10.91 -19.91
N GLU A 172 -1.57 9.84 -19.17
CA GLU A 172 -2.30 9.98 -17.91
C GLU A 172 -1.54 10.94 -16.97
N LYS A 173 -0.24 10.72 -16.87
CA LYS A 173 0.62 11.55 -16.03
C LYS A 173 0.59 13.01 -16.48
N ARG A 174 0.67 13.24 -17.79
CA ARG A 174 0.63 14.60 -18.32
C ARG A 174 -0.63 15.33 -17.84
N ALA A 175 -1.76 14.67 -18.05
CA ALA A 175 -3.07 15.25 -17.78
C ALA A 175 -3.40 15.34 -16.30
N LEU A 176 -2.92 14.38 -15.50
CA LEU A 176 -3.46 14.19 -14.16
C LEU A 176 -2.48 14.20 -12.99
N HIS A 177 -1.18 14.09 -13.27
CA HIS A 177 -0.22 14.15 -12.16
C HIS A 177 -0.43 15.36 -11.24
N ASP A 178 -0.55 16.56 -11.77
CA ASP A 178 -0.68 17.72 -10.89
C ASP A 178 -1.99 17.75 -10.13
N VAL A 179 -3.05 17.21 -10.74
CA VAL A 179 -4.39 17.15 -10.12
C VAL A 179 -4.34 16.19 -8.93
N ILE A 180 -3.91 14.95 -9.15
CA ILE A 180 -3.89 13.92 -8.11
C ILE A 180 -2.90 14.25 -7.00
N LYS A 181 -1.93 15.09 -7.30
CA LYS A 181 -0.83 15.47 -6.43
C LYS A 181 -1.26 16.58 -5.46
N LYS A 182 -2.33 17.33 -5.83
CA LYS A 182 -2.80 18.54 -5.11
C LYS A 182 -4.16 18.33 -4.45
N LEU A 183 -5.02 17.67 -5.21
CA LEU A 183 -6.38 17.37 -4.84
C LEU A 183 -6.59 16.58 -3.53
N PRO A 184 -5.88 15.41 -3.29
CA PRO A 184 -6.22 14.72 -2.03
C PRO A 184 -6.12 15.57 -0.79
N GLU A 185 -5.00 16.28 -0.64
CA GLU A 185 -4.78 17.26 0.41
C GLU A 185 -5.97 18.23 0.56
N ALA A 186 -6.35 18.80 -0.58
CA ALA A 186 -7.33 19.88 -0.62
C ALA A 186 -8.72 19.41 -0.19
N VAL A 187 -9.05 18.18 -0.57
CA VAL A 187 -10.40 17.65 -0.41
C VAL A 187 -10.57 16.93 0.92
N MET A 188 -9.47 16.34 1.40
CA MET A 188 -9.55 15.30 2.42
C MET A 188 -8.76 15.67 3.69
N GLY A 189 -7.79 16.59 3.53
CA GLY A 189 -6.88 17.00 4.60
C GLY A 189 -6.30 15.81 5.34
N ALA A 190 -6.40 15.91 6.67
CA ALA A 190 -5.84 14.93 7.59
C ALA A 190 -6.31 13.48 7.37
N ALA A 191 -7.44 13.27 6.68
CA ALA A 191 -8.00 11.95 6.49
C ALA A 191 -7.27 11.13 5.40
N TYR A 192 -6.45 11.78 4.59
CA TYR A 192 -5.70 11.09 3.57
C TYR A 192 -4.49 10.37 4.17
N GLY A 193 -4.55 9.04 4.19
CA GLY A 193 -3.58 8.26 4.95
C GLY A 193 -2.15 8.24 4.44
N PHE A 194 -2.04 8.44 3.12
CA PHE A 194 -0.77 8.35 2.42
C PHE A 194 0.22 9.47 2.71
N GLN A 195 -0.25 10.51 3.38
CA GLN A 195 0.60 11.63 3.72
C GLN A 195 1.49 11.36 4.96
N TYR A 196 1.26 10.25 5.67
CA TYR A 196 1.88 10.06 7.00
C TYR A 196 3.07 9.12 7.04
N SER A 197 4.17 9.54 7.69
CA SER A 197 5.27 8.61 8.00
C SER A 197 4.76 7.68 9.12
N PRO A 198 5.48 6.58 9.47
CA PRO A 198 4.98 5.68 10.55
C PRO A 198 4.70 6.40 11.84
N ALA A 199 5.66 7.24 12.25
CA ALA A 199 5.57 7.99 13.49
C ALA A 199 4.41 8.93 13.45
N GLN A 200 4.13 9.50 12.27
CA GLN A 200 3.06 10.47 12.12
C GLN A 200 1.75 9.81 12.12
N ARG A 201 1.68 8.60 11.56
CA ARG A 201 0.44 7.84 11.56
C ARG A 201 0.06 7.50 12.98
N VAL A 202 1.04 7.06 13.75
CA VAL A 202 0.82 6.73 15.16
C VAL A 202 0.33 7.94 15.92
N GLU A 203 0.99 9.07 15.71
CA GLU A 203 0.62 10.33 16.34
C GLU A 203 -0.83 10.68 16.06
N PHE A 204 -1.23 10.55 14.79
CA PHE A 204 -2.58 10.88 14.34
C PHE A 204 -3.60 9.99 15.05
N LEU A 205 -3.36 8.69 15.05
CA LEU A 205 -4.31 7.73 15.56
C LEU A 205 -4.40 7.79 17.06
N LEU A 206 -3.27 7.97 17.73
CA LEU A 206 -3.24 8.05 19.18
C LEU A 206 -3.95 9.31 19.59
N THR A 207 -3.65 10.40 18.91
CA THR A 207 -4.30 11.63 19.33
C THR A 207 -5.80 11.59 19.05
N ALA A 208 -6.20 10.93 17.95
CA ALA A 208 -7.62 10.74 17.63
C ALA A 208 -8.29 9.92 18.73
N TRP A 209 -7.65 8.83 19.12
CA TRP A 209 -8.17 7.94 20.14
C TRP A 209 -8.35 8.67 21.47
N LYS A 210 -7.35 9.47 21.84
CA LYS A 210 -7.33 10.17 23.14
C LYS A 210 -8.26 11.40 23.16
N SER A 211 -8.68 11.84 21.99
CA SER A 211 -9.56 12.99 21.86
C SER A 211 -11.01 12.64 22.19
N LYS A 212 -11.33 11.35 22.29
CA LYS A 212 -12.67 10.90 22.59
C LYS A 212 -12.86 10.63 24.07
N LYS A 213 -14.07 10.91 24.55
CA LYS A 213 -14.46 10.62 25.91
C LYS A 213 -14.41 9.09 26.12
N THR A 214 -15.04 8.34 25.24
CA THR A 214 -14.98 6.88 25.28
C THR A 214 -14.83 6.43 23.86
N PRO A 215 -13.58 6.17 23.42
CA PRO A 215 -13.40 5.88 22.01
C PRO A 215 -13.88 4.50 21.57
N MET A 216 -14.37 4.44 20.34
CA MET A 216 -14.70 3.20 19.65
C MET A 216 -14.11 3.37 18.24
N GLY A 217 -13.65 2.29 17.65
CA GLY A 217 -13.12 2.40 16.31
C GLY A 217 -13.44 1.16 15.55
N PHE A 218 -13.36 1.24 14.23
CA PHE A 218 -13.55 0.07 13.37
C PHE A 218 -12.86 0.29 12.05
N SER A 219 -12.41 -0.79 11.42
CA SER A 219 -12.04 -0.73 10.01
C SER A 219 -13.20 -1.26 9.18
N TYR A 220 -13.36 -0.72 7.97
CA TYR A 220 -14.40 -1.17 7.06
C TYR A 220 -13.76 -1.69 5.81
N ASP A 221 -13.90 -2.97 5.54
CA ASP A 221 -13.24 -3.56 4.40
C ASP A 221 -14.25 -3.94 3.31
N THR A 222 -14.25 -3.14 2.26
CA THR A 222 -15.15 -3.37 1.12
C THR A 222 -14.74 -4.62 0.36
N ARG A 223 -15.73 -5.43 0.00
CA ARG A 223 -15.48 -6.62 -0.81
C ARG A 223 -15.10 -6.21 -2.26
N CYS A 224 -13.88 -6.53 -2.71
CA CYS A 224 -13.42 -6.26 -4.10
C CYS A 224 -13.69 -4.81 -4.53
N PHE A 225 -13.12 -3.86 -3.81
CA PHE A 225 -13.47 -2.45 -4.00
C PHE A 225 -13.50 -1.98 -5.45
N ASP A 226 -12.47 -2.32 -6.23
CA ASP A 226 -12.40 -1.93 -7.66
C ASP A 226 -13.65 -2.30 -8.43
N SER A 227 -14.17 -3.50 -8.17
CA SER A 227 -15.35 -4.01 -8.83
C SER A 227 -16.63 -3.29 -8.39
N THR A 228 -16.63 -2.72 -7.19
CA THR A 228 -17.81 -2.00 -6.68
C THR A 228 -17.93 -0.59 -7.25
N VAL A 229 -16.84 -0.10 -7.85
CA VAL A 229 -16.84 1.26 -8.38
C VAL A 229 -17.62 1.25 -9.68
N THR A 230 -18.65 2.09 -9.75
CA THR A 230 -19.57 2.07 -10.88
C THR A 230 -19.19 3.13 -11.91
N GLU A 231 -19.80 3.02 -13.09
CA GLU A 231 -19.61 4.01 -14.13
C GLU A 231 -19.94 5.43 -13.65
N LYS A 232 -21.02 5.56 -12.87
CA LYS A 232 -21.41 6.85 -12.28
C LYS A 232 -20.37 7.34 -11.27
N ASP A 233 -19.80 6.42 -10.50
CA ASP A 233 -18.71 6.75 -9.58
C ASP A 233 -17.51 7.35 -10.31
N ILE A 234 -17.15 6.73 -11.42
CA ILE A 234 -15.99 7.15 -12.22
C ILE A 234 -16.27 8.49 -12.90
N ARG A 235 -17.50 8.65 -13.40
CA ARG A 235 -17.91 9.94 -13.97
C ARG A 235 -17.96 11.05 -12.92
N VAL A 236 -18.27 10.69 -11.67
CA VAL A 236 -18.29 11.64 -10.58
C VAL A 236 -16.85 12.09 -10.25
N GLU A 237 -15.90 11.17 -10.33
CA GLU A 237 -14.48 11.51 -10.11
C GLU A 237 -14.04 12.54 -11.12
N GLU A 238 -14.46 12.33 -12.37
CA GLU A 238 -14.12 13.22 -13.47
C GLU A 238 -14.70 14.60 -13.18
N GLU A 239 -15.94 14.64 -12.71
CA GLU A 239 -16.59 15.91 -12.36
C GLU A 239 -15.82 16.63 -11.28
N VAL A 240 -15.31 15.88 -10.30
CA VAL A 240 -14.49 16.49 -9.26
C VAL A 240 -13.16 17.02 -9.86
N TYR A 241 -12.51 16.25 -10.73
CA TYR A 241 -11.28 16.75 -11.40
C TYR A 241 -11.54 18.06 -12.15
N GLN A 242 -12.68 18.12 -12.84
CA GLN A 242 -13.01 19.29 -13.65
C GLN A 242 -13.36 20.53 -12.82
N CYS A 243 -13.62 20.34 -11.51
CA CYS A 243 -13.81 21.46 -10.60
C CYS A 243 -12.53 22.25 -10.38
N CYS A 244 -11.39 21.59 -10.61
CA CYS A 244 -10.10 22.25 -10.47
C CYS A 244 -9.94 23.31 -11.57
N ASP A 245 -9.00 24.22 -11.37
CA ASP A 245 -8.65 25.19 -12.41
C ASP A 245 -7.64 24.52 -13.34
N LEU A 246 -8.12 24.14 -14.52
CA LEU A 246 -7.32 23.37 -15.46
C LEU A 246 -7.05 24.08 -16.78
N GLU A 247 -5.90 23.73 -17.37
CA GLU A 247 -5.58 24.04 -18.74
C GLU A 247 -6.65 23.43 -19.67
N PRO A 248 -6.99 24.15 -20.76
CA PRO A 248 -8.04 23.66 -21.67
C PRO A 248 -7.73 22.33 -22.34
N GLU A 249 -6.46 22.09 -22.73
CA GLU A 249 -6.01 20.77 -23.21
C GLU A 249 -6.25 19.67 -22.18
N ALA A 250 -5.95 19.99 -20.92
CA ALA A 250 -6.11 19.07 -19.82
C ALA A 250 -7.56 18.66 -19.69
N ARG A 251 -8.47 19.61 -19.86
CA ARG A 251 -9.90 19.34 -19.69
C ARG A 251 -10.37 18.33 -20.71
N LYS A 252 -9.92 18.52 -21.95
CA LYS A 252 -10.29 17.65 -23.06
C LYS A 252 -9.73 16.25 -22.83
N VAL A 253 -8.43 16.18 -22.51
CA VAL A 253 -7.77 14.90 -22.28
C VAL A 253 -8.38 14.10 -21.12
N ILE A 254 -8.69 14.79 -20.01
CA ILE A 254 -9.30 14.16 -18.84
C ILE A 254 -10.68 13.56 -19.19
N THR A 255 -11.48 14.33 -19.93
CA THR A 255 -12.79 13.84 -20.41
C THR A 255 -12.62 12.60 -21.32
N ALA A 256 -11.66 12.64 -22.24
CA ALA A 256 -11.44 11.50 -23.14
C ALA A 256 -10.90 10.28 -22.40
N LEU A 257 -9.99 10.51 -21.45
CA LEU A 257 -9.47 9.41 -20.63
C LEU A 257 -10.57 8.75 -19.82
N THR A 258 -11.49 9.57 -19.29
CA THR A 258 -12.60 9.06 -18.52
C THR A 258 -13.52 8.21 -19.39
N ASP A 259 -13.93 8.76 -20.52
CA ASP A 259 -14.88 8.05 -21.36
C ASP A 259 -14.32 6.88 -22.14
N ARG A 260 -13.03 6.93 -22.47
CA ARG A 260 -12.42 5.91 -23.32
C ARG A 260 -11.62 4.88 -22.53
N LEU A 261 -11.27 5.25 -21.29
CA LEU A 261 -10.46 4.38 -20.45
C LEU A 261 -11.01 4.13 -19.07
N TYR A 262 -11.20 5.19 -18.28
CA TYR A 262 -11.56 5.02 -16.88
C TYR A 262 -12.93 4.39 -16.66
N VAL A 263 -13.91 4.78 -17.45
CA VAL A 263 -15.31 4.31 -17.29
C VAL A 263 -15.47 2.83 -17.67
N GLY A 264 -14.56 2.34 -18.48
CA GLY A 264 -14.61 0.94 -18.89
C GLY A 264 -13.96 0.71 -20.23
N GLY A 265 -13.92 -0.54 -20.68
CA GLY A 265 -13.32 -0.81 -21.96
C GLY A 265 -12.90 -2.26 -22.10
N PRO A 266 -12.45 -2.66 -23.31
CA PRO A 266 -12.12 -4.06 -23.67
C PRO A 266 -10.88 -4.56 -22.98
N MET A 267 -10.87 -5.83 -22.61
CA MET A 267 -9.73 -6.44 -21.95
C MET A 267 -9.11 -7.49 -22.84
N HIS A 268 -7.82 -7.39 -23.05
CA HIS A 268 -7.10 -8.34 -23.90
C HIS A 268 -6.00 -9.02 -23.11
N ASN A 269 -5.82 -10.30 -23.31
CA ASN A 269 -4.75 -11.02 -22.61
C ASN A 269 -3.40 -10.79 -23.25
N SER A 270 -2.36 -11.40 -22.70
CA SER A 270 -1.01 -11.22 -23.24
C SER A 270 -0.81 -11.77 -24.67
N LYS A 271 -1.64 -12.73 -25.08
CA LYS A 271 -1.55 -13.27 -26.43
C LYS A 271 -2.38 -12.45 -27.45
N GLY A 272 -3.05 -11.40 -26.94
CA GLY A 272 -3.80 -10.46 -27.76
C GLY A 272 -5.27 -10.81 -27.95
N ASP A 273 -5.74 -11.86 -27.26
CA ASP A 273 -7.13 -12.32 -27.38
C ASP A 273 -8.04 -11.47 -26.56
N LEU A 274 -9.24 -11.20 -27.06
CA LEU A 274 -10.25 -10.49 -26.28
C LEU A 274 -10.76 -11.34 -25.12
N CYS A 275 -10.56 -10.86 -23.89
CA CYS A 275 -10.94 -11.58 -22.66
C CYS A 275 -12.28 -11.17 -22.10
N GLY A 276 -12.71 -9.96 -22.42
CA GLY A 276 -13.95 -9.46 -21.89
C GLY A 276 -14.05 -7.96 -21.92
N TYR A 277 -14.95 -7.42 -21.11
CA TYR A 277 -15.16 -5.98 -21.08
C TYR A 277 -15.32 -5.52 -19.64
N ARG A 278 -14.71 -4.38 -19.31
CA ARG A 278 -14.74 -3.84 -17.96
C ARG A 278 -15.72 -2.66 -17.84
N ARG A 279 -16.48 -2.62 -16.75
CA ARG A 279 -17.38 -1.49 -16.42
C ARG A 279 -17.20 -1.04 -14.98
N CYS A 280 -15.97 -1.12 -14.51
CA CYS A 280 -15.59 -0.73 -13.17
C CYS A 280 -14.18 -0.14 -13.19
N ARG A 281 -13.61 0.11 -12.00
CA ARG A 281 -12.27 0.67 -11.87
C ARG A 281 -11.21 -0.22 -12.52
N ALA A 282 -10.38 0.38 -13.37
CA ALA A 282 -9.20 -0.31 -13.86
C ALA A 282 -8.14 -0.27 -12.77
N SER A 283 -7.54 -1.40 -12.46
CA SER A 283 -6.64 -1.51 -11.31
C SER A 283 -5.24 -0.95 -11.63
N GLY A 284 -4.95 -0.77 -12.91
CA GLY A 284 -3.60 -0.40 -13.34
C GLY A 284 -3.53 0.93 -14.04
N VAL A 285 -4.24 1.93 -13.52
CA VAL A 285 -4.21 3.30 -14.07
C VAL A 285 -3.70 4.27 -13.00
N TYR A 286 -3.26 5.43 -13.46
CA TYR A 286 -2.71 6.45 -12.57
C TYR A 286 -3.72 6.91 -11.54
N THR A 287 -4.98 6.93 -11.93
CA THR A 287 -6.05 7.37 -11.06
C THR A 287 -6.55 6.34 -10.04
N THR A 288 -6.06 5.10 -10.09
CA THR A 288 -6.62 4.03 -9.24
C THR A 288 -6.52 4.35 -7.75
N SER A 289 -5.35 4.70 -7.25
CA SER A 289 -5.22 4.89 -5.82
C SER A 289 -5.99 6.15 -5.37
N PHE A 290 -5.77 7.24 -6.09
CA PHE A 290 -6.44 8.44 -5.70
C PHE A 290 -7.93 8.34 -5.92
N GLY A 291 -8.35 7.75 -7.05
CA GLY A 291 -9.76 7.46 -7.34
C GLY A 291 -10.42 6.66 -6.24
N ASN A 292 -9.78 5.58 -5.82
CA ASN A 292 -10.35 4.75 -4.75
C ASN A 292 -10.45 5.52 -3.45
N THR A 293 -9.40 6.27 -3.14
CA THR A 293 -9.37 7.06 -1.91
C THR A 293 -10.52 8.08 -1.89
N LEU A 294 -10.69 8.82 -2.98
CA LEU A 294 -11.74 9.82 -3.04
C LEU A 294 -13.14 9.19 -2.99
N THR A 295 -13.34 8.11 -3.74
CA THR A 295 -14.63 7.43 -3.78
C THR A 295 -14.98 6.84 -2.44
N CYS A 296 -14.01 6.16 -1.83
CA CYS A 296 -14.20 5.58 -0.49
C CYS A 296 -14.54 6.68 0.51
N TYR A 297 -13.81 7.79 0.44
CA TYR A 297 -14.02 8.95 1.30
C TYR A 297 -15.42 9.55 1.14
N LEU A 298 -15.87 9.81 -0.09
CA LEU A 298 -17.21 10.40 -0.33
C LEU A 298 -18.30 9.47 0.25
N LYS A 299 -18.24 8.19 -0.10
CA LYS A 299 -19.24 7.23 0.35
C LYS A 299 -19.25 7.08 1.88
N ALA A 300 -18.07 6.97 2.49
CA ALA A 300 -17.98 6.73 3.92
C ALA A 300 -18.40 7.98 4.70
N THR A 301 -18.04 9.16 4.21
CA THR A 301 -18.37 10.41 4.87
C THR A 301 -19.89 10.56 4.89
N ALA A 302 -20.53 10.24 3.77
CA ALA A 302 -22.00 10.24 3.69
C ALA A 302 -22.60 9.18 4.57
N ALA A 303 -22.04 7.97 4.55
CA ALA A 303 -22.59 6.88 5.36
C ALA A 303 -22.49 7.17 6.86
N ILE A 304 -21.44 7.89 7.29
CA ILE A 304 -21.33 8.33 8.68
C ILE A 304 -22.52 9.20 9.09
N ARG A 305 -22.94 10.08 8.18
CA ARG A 305 -24.07 10.96 8.45
C ARG A 305 -25.37 10.18 8.52
N ALA A 306 -25.54 9.26 7.58
CA ALA A 306 -26.73 8.42 7.53
C ALA A 306 -26.81 7.54 8.76
N ALA A 307 -25.66 7.08 9.26
CA ALA A 307 -25.59 6.16 10.40
C ALA A 307 -25.70 6.90 11.71
N GLY A 308 -25.60 8.24 11.66
CA GLY A 308 -25.62 9.09 12.86
C GLY A 308 -24.46 8.83 13.80
N LEU A 309 -23.32 8.39 13.26
CA LEU A 309 -22.12 8.17 14.05
C LEU A 309 -21.61 9.49 14.63
N ARG A 310 -21.33 9.48 15.93
CA ARG A 310 -20.90 10.65 16.69
C ARG A 310 -19.39 10.93 16.61
N ASP A 311 -19.03 12.14 16.15
CA ASP A 311 -17.70 12.72 16.31
C ASP A 311 -16.61 11.84 15.62
N CYS A 312 -16.75 11.70 14.31
CA CYS A 312 -15.89 10.80 13.55
C CYS A 312 -14.58 11.39 13.11
N THR A 313 -13.56 10.55 13.24
CA THR A 313 -12.25 10.77 12.66
C THR A 313 -11.99 9.64 11.71
N MET A 314 -11.71 9.95 10.45
CA MET A 314 -11.42 8.89 9.49
C MET A 314 -10.06 8.93 8.82
N LEU A 315 -9.54 7.75 8.49
CA LEU A 315 -8.25 7.64 7.85
C LEU A 315 -8.39 6.70 6.68
N VAL A 316 -8.08 7.19 5.48
CA VAL A 316 -8.43 6.50 4.24
C VAL A 316 -7.19 6.29 3.38
N CYS A 317 -6.98 5.02 3.00
CA CYS A 317 -5.90 4.62 2.10
C CYS A 317 -6.50 3.80 0.97
N GLY A 318 -6.84 4.45 -0.15
CA GLY A 318 -7.55 3.76 -1.24
C GLY A 318 -8.84 3.17 -0.70
N ASP A 319 -9.02 1.87 -0.88
CA ASP A 319 -10.21 1.17 -0.37
C ASP A 319 -10.18 0.88 1.14
N ASP A 320 -9.06 1.19 1.80
CA ASP A 320 -8.94 0.86 3.22
C ASP A 320 -9.43 2.03 4.07
N LEU A 321 -10.33 1.74 5.00
CA LEU A 321 -10.92 2.80 5.82
C LEU A 321 -10.91 2.46 7.31
N VAL A 322 -10.57 3.44 8.14
CA VAL A 322 -10.67 3.27 9.60
C VAL A 322 -11.36 4.51 10.16
N VAL A 323 -12.27 4.29 11.11
CA VAL A 323 -13.03 5.34 11.73
C VAL A 323 -12.88 5.21 13.22
N ILE A 324 -12.61 6.34 13.85
CA ILE A 324 -12.54 6.43 15.31
C ILE A 324 -13.60 7.44 15.75
N ALA A 325 -14.47 7.02 16.68
CA ALA A 325 -15.67 7.76 17.00
C ALA A 325 -15.95 7.79 18.49
N GLU A 326 -16.98 8.53 18.86
CA GLU A 326 -17.46 8.51 20.23
C GLU A 326 -18.40 7.34 20.46
N SER A 327 -18.03 6.47 21.40
CA SER A 327 -18.91 5.38 21.81
C SER A 327 -20.17 5.87 22.47
N ASP A 328 -21.30 5.30 22.09
CA ASP A 328 -22.58 5.60 22.77
C ASP A 328 -23.10 4.36 23.43
N GLY A 329 -22.18 3.47 23.77
CA GLY A 329 -22.53 2.22 24.43
C GLY A 329 -22.50 1.07 23.45
N VAL A 330 -22.42 -0.15 23.96
CA VAL A 330 -22.14 -1.32 23.13
C VAL A 330 -23.20 -1.61 22.08
N GLU A 331 -24.46 -1.73 22.50
CA GLU A 331 -25.57 -1.99 21.57
C GLU A 331 -25.81 -0.82 20.62
N GLU A 332 -25.69 0.40 21.14
CA GLU A 332 -25.87 1.59 20.32
C GLU A 332 -24.80 1.67 19.20
N ASP A 333 -23.55 1.40 19.59
CA ASP A 333 -22.45 1.35 18.62
C ASP A 333 -22.66 0.30 17.56
N ASN A 334 -23.06 -0.91 17.96
CA ASN A 334 -23.28 -2.00 17.03
C ASN A 334 -24.41 -1.67 16.06
N ARG A 335 -25.47 -1.01 16.54
CA ARG A 335 -26.60 -0.53 15.71
C ARG A 335 -26.09 0.47 14.67
N ALA A 336 -25.30 1.43 15.15
CA ALA A 336 -24.78 2.54 14.30
C ALA A 336 -23.92 2.00 13.17
N LEU A 337 -23.11 1.01 13.51
CA LEU A 337 -22.21 0.34 12.59
C LEU A 337 -22.99 -0.38 11.54
N ARG A 338 -23.99 -1.14 11.96
CA ARG A 338 -24.84 -1.83 10.98
C ARG A 338 -25.53 -0.85 10.05
N ALA A 339 -25.91 0.31 10.59
CA ALA A 339 -26.52 1.37 9.78
C ALA A 339 -25.52 1.93 8.78
N PHE A 340 -24.27 2.12 9.24
CA PHE A 340 -23.18 2.57 8.38
C PHE A 340 -22.99 1.58 7.23
N THR A 341 -22.94 0.30 7.57
CA THR A 341 -22.78 -0.75 6.58
C THR A 341 -23.92 -0.77 5.56
N GLU A 342 -25.16 -0.59 6.02
CA GLU A 342 -26.31 -0.54 5.12
C GLU A 342 -26.19 0.60 4.11
N ALA A 343 -25.76 1.76 4.60
CA ALA A 343 -25.60 2.95 3.75
C ALA A 343 -24.50 2.73 2.72
N MET A 344 -23.32 2.28 3.17
CA MET A 344 -22.19 1.99 2.27
C MET A 344 -22.63 1.02 1.19
N THR A 345 -23.43 0.03 1.59
CA THR A 345 -23.90 -0.98 0.68
C THR A 345 -24.83 -0.41 -0.38
N ARG A 346 -25.76 0.46 0.03
CA ARG A 346 -26.61 1.20 -0.93
C ARG A 346 -25.78 2.00 -1.90
N TYR A 347 -24.63 2.49 -1.47
CA TYR A 347 -23.75 3.27 -2.33
C TYR A 347 -22.89 2.39 -3.20
N SER A 348 -23.10 1.08 -3.11
CA SER A 348 -22.36 0.07 -3.87
C SER A 348 -20.96 -0.04 -3.28
N ALA A 349 -20.88 -0.25 -1.98
CA ALA A 349 -19.63 -0.68 -1.37
C ALA A 349 -19.91 -1.61 -0.19
N PRO A 350 -20.46 -2.81 -0.46
CA PRO A 350 -20.72 -3.80 0.61
C PRO A 350 -19.42 -4.37 1.20
N PRO A 351 -19.41 -4.78 2.49
CA PRO A 351 -18.18 -5.31 3.08
C PRO A 351 -17.95 -6.79 2.77
N GLY A 352 -16.71 -7.23 2.98
CA GLY A 352 -16.40 -8.64 2.93
C GLY A 352 -16.45 -9.27 4.30
N ASP A 353 -16.10 -8.47 5.31
CA ASP A 353 -15.81 -9.00 6.64
C ASP A 353 -16.07 -7.92 7.67
N ALA A 354 -16.63 -8.36 8.81
CA ALA A 354 -17.06 -7.50 9.90
C ALA A 354 -18.07 -6.43 9.34
N PRO A 355 -18.03 -5.11 9.64
CA PRO A 355 -17.17 -4.41 10.58
C PRO A 355 -17.65 -4.60 12.01
N GLN A 356 -16.70 -4.56 12.93
CA GLN A 356 -17.01 -4.77 14.33
C GLN A 356 -16.45 -3.63 15.17
N PRO A 357 -17.24 -3.13 16.13
CA PRO A 357 -16.76 -2.08 17.00
C PRO A 357 -15.63 -2.60 17.88
N ALA A 358 -14.54 -1.83 17.99
CA ALA A 358 -13.38 -2.19 18.84
C ALA A 358 -13.13 -1.12 19.86
N TYR A 359 -12.72 -1.52 21.06
CA TYR A 359 -12.57 -0.56 22.17
C TYR A 359 -11.15 -0.47 22.70
N ASP A 360 -10.23 -1.21 22.06
CA ASP A 360 -8.78 -0.98 22.25
C ASP A 360 -8.18 -0.53 20.93
N LEU A 361 -7.36 0.52 21.02
CA LEU A 361 -6.72 1.12 19.86
C LEU A 361 -5.91 0.07 19.10
N GLU A 362 -5.28 -0.83 19.86
CA GLU A 362 -4.40 -1.87 19.31
C GLU A 362 -5.10 -2.82 18.35
N LEU A 363 -6.39 -2.95 18.54
CA LEU A 363 -7.19 -3.84 17.72
C LEU A 363 -7.71 -3.20 16.41
N ILE A 364 -7.53 -1.89 16.25
CA ILE A 364 -7.96 -1.25 15.01
C ILE A 364 -6.83 -1.38 13.95
N THR A 365 -7.21 -1.84 12.75
CA THR A 365 -6.26 -1.96 11.64
C THR A 365 -6.52 -0.95 10.49
N SER A 366 -5.54 -0.09 10.26
CA SER A 366 -5.56 0.92 9.22
C SER A 366 -4.37 0.67 8.36
N CYS A 367 -4.61 0.50 7.06
CA CYS A 367 -3.53 0.43 6.05
C CYS A 367 -2.54 -0.67 6.46
N SER A 368 -3.14 -1.82 6.73
CA SER A 368 -2.46 -3.07 7.09
C SER A 368 -1.72 -3.03 8.40
N SER A 369 -1.97 -2.01 9.20
CA SER A 369 -1.16 -1.80 10.37
C SER A 369 -1.98 -1.46 11.63
N ASN A 370 -1.37 -1.54 12.81
CA ASN A 370 -2.01 -1.10 14.04
C ASN A 370 -1.02 -0.41 14.96
N VAL A 371 -1.54 0.32 15.94
CA VAL A 371 -0.69 0.93 16.96
C VAL A 371 -0.48 -0.12 18.05
N SER A 372 0.73 -0.26 18.58
CA SER A 372 0.96 -1.11 19.75
C SER A 372 1.82 -0.36 20.72
N VAL A 373 2.09 -0.98 21.85
CA VAL A 373 2.84 -0.26 22.86
C VAL A 373 4.03 -1.04 23.36
N ALA A 374 5.10 -0.34 23.67
CA ALA A 374 6.20 -0.92 24.42
C ALA A 374 6.73 0.14 25.38
N HIS A 375 7.90 -0.11 26.01
CA HIS A 375 8.59 0.89 26.86
C HIS A 375 10.00 1.16 26.41
N ASP A 376 10.43 2.41 26.41
CA ASP A 376 11.81 2.72 26.11
C ASP A 376 12.61 2.39 27.37
N VAL A 377 13.85 2.87 27.45
CA VAL A 377 14.73 2.77 28.63
C VAL A 377 14.26 3.57 29.86
N THR A 378 13.77 4.79 29.61
CA THR A 378 13.33 5.66 30.69
C THR A 378 11.99 5.15 31.29
N GLY A 379 11.71 3.86 31.05
CA GLY A 379 10.47 3.18 31.47
C GLY A 379 9.22 3.88 30.95
N LYS A 380 9.40 4.66 29.88
CA LYS A 380 8.34 5.50 29.34
C LYS A 380 7.53 4.68 28.31
N LYS A 381 6.19 4.69 28.41
CA LYS A 381 5.33 4.07 27.38
C LYS A 381 5.55 4.70 25.99
N VAL A 382 5.74 3.86 24.98
CA VAL A 382 6.06 4.30 23.62
C VAL A 382 5.11 3.60 22.67
N TYR A 383 4.32 4.41 21.99
CA TYR A 383 3.38 3.91 20.99
C TYR A 383 4.12 3.83 19.66
N TYR A 384 3.91 2.75 18.91
CA TYR A 384 4.63 2.55 17.66
C TYR A 384 3.78 1.76 16.69
N LEU A 385 4.11 1.84 15.39
CA LEU A 385 3.30 1.19 14.36
C LEU A 385 3.80 -0.19 14.05
N THR A 386 2.88 -1.14 14.01
CA THR A 386 3.25 -2.52 13.72
C THR A 386 2.25 -3.14 12.73
N ARG A 387 2.47 -4.38 12.36
CA ARG A 387 1.55 -5.10 11.52
C ARG A 387 1.74 -6.59 11.72
N ASP A 388 0.78 -7.36 11.23
CA ASP A 388 0.91 -8.78 11.15
C ASP A 388 2.16 -9.12 10.31
N PRO A 389 3.08 -9.95 10.88
CA PRO A 389 4.35 -10.18 10.20
C PRO A 389 4.32 -11.25 9.13
N GLU A 390 3.17 -11.89 8.94
CA GLU A 390 3.10 -13.03 8.03
C GLU A 390 3.61 -12.72 6.63
N THR A 391 3.01 -11.74 5.96
CA THR A 391 3.44 -11.47 4.60
C THR A 391 4.85 -10.89 4.55
N PRO A 392 5.21 -9.94 5.45
CA PRO A 392 6.63 -9.53 5.44
C PRO A 392 7.64 -10.68 5.58
N LEU A 393 7.35 -11.66 6.44
CA LEU A 393 8.24 -12.78 6.62
C LEU A 393 8.25 -13.71 5.42
N ALA A 394 7.08 -13.95 4.86
CA ALA A 394 6.98 -14.76 3.65
C ALA A 394 7.80 -14.15 2.52
N ARG A 395 7.70 -12.84 2.35
CA ARG A 395 8.38 -12.13 1.29
C ARG A 395 9.89 -12.10 1.56
N ALA A 396 10.28 -11.99 2.82
CA ALA A 396 11.69 -12.04 3.19
C ALA A 396 12.31 -13.40 2.87
N ALA A 397 11.55 -14.47 3.12
CA ALA A 397 12.00 -15.80 2.77
C ALA A 397 12.22 -15.91 1.26
N TRP A 398 11.26 -15.39 0.49
CA TRP A 398 11.32 -15.43 -0.96
C TRP A 398 12.52 -14.66 -1.45
N GLU A 399 12.71 -13.46 -0.91
CA GLU A 399 13.77 -12.57 -1.35
C GLU A 399 15.16 -13.06 -0.92
N THR A 400 15.21 -13.91 0.10
CA THR A 400 16.51 -14.53 0.39
C THR A 400 16.86 -15.65 -0.57
N VAL A 401 15.84 -16.33 -1.09
CA VAL A 401 16.09 -17.48 -1.96
C VAL A 401 16.26 -17.05 -3.44
N ARG A 402 15.38 -16.19 -3.95
CA ARG A 402 15.42 -15.72 -5.33
C ARG A 402 15.60 -14.23 -5.24
N HIS A 403 16.83 -13.72 -5.41
CA HIS A 403 17.04 -12.26 -5.40
C HIS A 403 16.03 -11.58 -6.32
N THR A 404 15.46 -10.47 -5.85
CA THR A 404 14.11 -10.05 -6.27
C THR A 404 13.95 -8.73 -7.04
N PRO A 405 12.82 -8.58 -7.78
CA PRO A 405 12.50 -7.27 -8.32
C PRO A 405 11.96 -6.32 -7.24
N VAL A 406 11.81 -6.79 -6.00
CA VAL A 406 11.09 -6.01 -4.97
C VAL A 406 11.97 -5.30 -3.91
N ASN A 407 12.61 -6.10 -3.05
CA ASN A 407 13.36 -5.63 -1.88
C ASN A 407 12.52 -5.18 -0.73
N SER A 408 11.37 -5.84 -0.58
CA SER A 408 10.40 -5.46 0.43
C SER A 408 10.95 -5.54 1.85
N TRP A 409 11.97 -6.39 2.07
CA TRP A 409 12.48 -6.59 3.41
C TRP A 409 13.14 -5.33 3.92
N LEU A 410 13.78 -4.58 3.04
CA LEU A 410 14.49 -3.38 3.44
C LEU A 410 13.49 -2.26 3.76
N GLY A 411 12.47 -2.13 2.91
CA GLY A 411 11.34 -1.25 3.20
C GLY A 411 10.68 -1.59 4.52
N ASN A 412 10.47 -2.87 4.75
CA ASN A 412 9.83 -3.32 5.98
C ASN A 412 10.67 -3.06 7.22
N ILE A 413 12.00 -3.24 7.12
CA ILE A 413 12.86 -2.97 8.26
C ILE A 413 12.77 -1.49 8.58
N ILE A 414 12.80 -0.66 7.54
CA ILE A 414 12.75 0.78 7.72
C ILE A 414 11.43 1.21 8.36
N VAL A 415 10.32 0.70 7.85
CA VAL A 415 9.01 1.14 8.29
C VAL A 415 8.62 0.57 9.64
N TYR A 416 9.07 -0.66 9.92
CA TYR A 416 8.68 -1.36 11.13
C TYR A 416 9.80 -1.64 12.09
N ALA A 417 10.89 -0.87 11.97
CA ALA A 417 12.03 -0.93 12.88
C ALA A 417 11.74 -1.07 14.39
N PRO A 418 10.73 -0.36 14.96
CA PRO A 418 10.51 -0.56 16.40
C PRO A 418 9.97 -1.96 16.81
N THR A 419 9.43 -2.71 15.84
CA THR A 419 8.64 -3.89 16.16
C THR A 419 9.53 -5.03 16.61
N ILE A 420 8.95 -5.91 17.41
CA ILE A 420 9.67 -7.07 17.91
C ILE A 420 10.13 -7.99 16.77
N TRP A 421 9.26 -8.21 15.78
CA TRP A 421 9.57 -9.09 14.67
C TRP A 421 10.61 -8.50 13.68
N VAL A 422 10.57 -7.19 13.42
CA VAL A 422 11.62 -6.68 12.56
C VAL A 422 12.97 -6.66 13.26
N ARG A 423 12.99 -6.36 14.57
CA ARG A 423 14.25 -6.32 15.33
C ARG A 423 14.90 -7.67 15.49
N MET A 424 14.12 -8.65 15.94
CA MET A 424 14.67 -9.94 16.30
C MET A 424 14.89 -10.85 15.12
N ILE A 425 13.98 -10.77 14.14
CA ILE A 425 13.99 -11.70 13.02
C ILE A 425 14.57 -11.09 11.75
N LEU A 426 13.87 -10.10 11.17
CA LEU A 426 14.33 -9.48 9.94
C LEU A 426 15.78 -8.95 10.03
N MET A 427 16.08 -8.16 11.06
CA MET A 427 17.41 -7.58 11.17
C MET A 427 18.47 -8.62 11.37
N THR A 428 18.27 -9.55 12.30
CA THR A 428 19.23 -10.61 12.54
C THR A 428 19.48 -11.40 11.26
N HIS A 429 18.42 -11.85 10.59
CA HIS A 429 18.54 -12.65 9.37
C HIS A 429 19.35 -11.92 8.25
N PHE A 430 18.92 -10.69 7.93
CA PHE A 430 19.49 -9.95 6.79
C PHE A 430 20.91 -9.44 7.07
N PHE A 431 21.15 -8.97 8.29
CA PHE A 431 22.51 -8.59 8.67
C PHE A 431 23.48 -9.74 8.70
N SER A 432 22.99 -10.92 9.03
CA SER A 432 23.76 -12.13 8.94
C SER A 432 24.11 -12.44 7.49
N ILE A 433 23.12 -12.41 6.61
CA ILE A 433 23.37 -12.66 5.19
C ILE A 433 24.33 -11.61 4.57
N LEU A 434 24.10 -10.34 4.90
CA LEU A 434 24.90 -9.23 4.42
C LEU A 434 26.33 -9.33 4.91
N GLN A 435 26.53 -9.75 6.15
CA GLN A 435 27.91 -9.87 6.54
C GLN A 435 28.60 -11.09 5.98
N SER A 436 27.89 -12.20 5.79
CA SER A 436 28.51 -13.35 5.15
C SER A 436 28.92 -13.08 3.69
N GLN A 437 28.18 -12.19 3.03
CA GLN A 437 28.42 -11.83 1.65
C GLN A 437 29.26 -10.57 1.53
N GLU A 438 29.76 -10.08 2.68
CA GLU A 438 30.54 -8.82 2.86
C GLU A 438 29.95 -7.61 2.13
N ALA A 439 28.66 -7.38 2.36
CA ALA A 439 27.91 -6.48 1.53
C ALA A 439 27.24 -5.44 2.40
N LEU A 440 27.81 -5.22 3.58
CA LEU A 440 27.34 -4.16 4.45
C LEU A 440 27.51 -2.77 3.79
N GLU A 441 28.59 -2.62 3.02
CA GLU A 441 28.91 -1.35 2.38
C GLU A 441 28.30 -1.18 0.99
N LYS A 442 27.71 -2.24 0.43
CA LYS A 442 27.00 -2.19 -0.86
C LYS A 442 25.61 -1.57 -0.76
N ALA A 443 25.43 -0.48 -1.50
CA ALA A 443 24.14 0.21 -1.61
C ALA A 443 23.06 -0.67 -2.22
N LEU A 444 21.86 -0.52 -1.71
CA LEU A 444 20.72 -1.30 -2.16
C LEU A 444 19.55 -0.39 -2.56
N ASP A 445 18.80 -0.80 -3.57
CA ASP A 445 17.62 -0.06 -3.98
C ASP A 445 16.37 -0.51 -3.25
N PHE A 446 15.67 0.45 -2.66
CA PHE A 446 14.33 0.21 -2.15
C PHE A 446 13.34 1.24 -2.69
N ASP A 447 12.06 0.89 -2.71
CA ASP A 447 11.00 1.80 -3.15
C ASP A 447 10.12 2.29 -2.02
N MET A 448 9.81 3.58 -2.01
CA MET A 448 8.70 4.05 -1.18
C MET A 448 7.79 4.96 -1.99
N TYR A 449 6.50 4.63 -1.92
CA TYR A 449 5.41 5.10 -2.83
C TYR A 449 5.88 5.29 -4.27
N GLY A 450 6.54 4.25 -4.79
CA GLY A 450 6.96 4.20 -6.20
C GLY A 450 8.22 4.94 -6.60
N VAL A 451 8.80 5.70 -5.67
CA VAL A 451 10.12 6.31 -5.87
C VAL A 451 11.21 5.32 -5.43
N THR A 452 12.32 5.28 -6.17
CA THR A 452 13.49 4.50 -5.77
C THR A 452 14.52 5.30 -4.98
N TYR A 453 14.99 4.67 -3.91
CA TYR A 453 16.08 5.18 -3.10
C TYR A 453 17.25 4.20 -3.03
N SER A 454 18.45 4.74 -2.81
CA SER A 454 19.69 3.99 -2.73
C SER A 454 20.19 4.10 -1.30
N ILE A 455 20.23 2.98 -0.59
CA ILE A 455 20.59 2.96 0.84
C ILE A 455 21.67 1.89 1.12
N THR A 456 22.74 2.22 1.85
CA THR A 456 23.57 1.12 2.35
C THR A 456 23.04 0.61 3.69
N PRO A 457 23.12 -0.72 3.89
CA PRO A 457 22.79 -1.38 5.17
C PRO A 457 23.38 -0.67 6.39
N LEU A 458 24.60 -0.16 6.25
CA LEU A 458 25.29 0.52 7.34
C LEU A 458 24.63 1.82 7.77
N ASP A 459 23.70 2.32 6.96
CA ASP A 459 22.98 3.55 7.22
C ASP A 459 21.68 3.33 7.96
N LEU A 460 21.32 2.06 8.17
CA LEU A 460 20.05 1.75 8.85
C LEU A 460 19.92 2.41 10.24
N PRO A 461 21.00 2.37 11.08
CA PRO A 461 20.82 3.02 12.37
C PRO A 461 20.34 4.46 12.31
N ALA A 462 21.04 5.35 11.60
CA ALA A 462 20.61 6.76 11.49
C ALA A 462 19.23 6.89 10.86
N ILE A 463 18.95 6.08 9.85
CA ILE A 463 17.62 6.09 9.22
C ILE A 463 16.50 5.80 10.25
N ILE A 464 16.69 4.74 11.04
CA ILE A 464 15.74 4.37 12.09
C ILE A 464 15.60 5.47 13.17
N GLN A 465 16.70 6.06 13.58
CA GLN A 465 16.63 7.09 14.59
C GLN A 465 15.84 8.27 14.08
N ARG A 466 16.10 8.67 12.84
CA ARG A 466 15.45 9.81 12.20
C ARG A 466 13.94 9.56 12.09
N LEU A 467 13.56 8.34 11.77
CA LEU A 467 12.14 8.03 11.58
C LEU A 467 11.37 7.70 12.85
N HIS A 468 12.01 6.97 13.77
CA HIS A 468 11.32 6.37 14.92
C HIS A 468 11.80 6.86 16.28
N GLY A 469 12.90 7.61 16.28
CA GLY A 469 13.51 8.03 17.53
C GLY A 469 14.47 7.00 18.09
N LEU A 470 15.32 7.44 19.01
CA LEU A 470 16.34 6.59 19.65
C LEU A 470 15.72 5.47 20.46
N SER A 471 14.48 5.67 20.88
CA SER A 471 13.76 4.68 21.67
C SER A 471 13.56 3.38 20.89
N ALA A 472 13.58 3.45 19.56
CA ALA A 472 13.40 2.26 18.74
C ALA A 472 14.48 1.20 18.98
N PHE A 473 15.64 1.62 19.49
CA PHE A 473 16.73 0.70 19.77
C PHE A 473 16.70 0.13 21.16
N THR A 474 15.70 0.52 21.93
CA THR A 474 15.67 0.24 23.36
C THR A 474 14.31 -0.27 23.84
N LEU A 475 13.38 -0.53 22.93
CA LEU A 475 12.05 -0.93 23.36
C LEU A 475 12.06 -2.28 24.01
N HIS A 476 11.37 -2.38 25.14
CA HIS A 476 11.21 -3.64 25.87
C HIS A 476 9.82 -3.68 26.48
N GLY A 477 9.53 -4.84 27.05
CA GLY A 477 8.21 -5.08 27.57
C GLY A 477 7.14 -4.75 26.55
N TYR A 478 7.16 -5.50 25.45
CA TYR A 478 6.12 -5.48 24.42
C TYR A 478 4.78 -5.94 24.99
N SER A 479 3.66 -5.51 24.40
CA SER A 479 2.31 -5.80 24.91
C SER A 479 2.00 -7.28 24.77
N PRO A 480 1.21 -7.85 25.70
CA PRO A 480 0.73 -9.21 25.56
C PRO A 480 0.07 -9.51 24.22
N HIS A 481 -0.71 -8.57 23.68
CA HIS A 481 -1.38 -8.80 22.41
C HIS A 481 -0.39 -8.90 21.26
N GLU A 482 0.60 -8.01 21.24
CA GLU A 482 1.53 -8.16 20.13
C GLU A 482 2.33 -9.42 20.32
N LEU A 483 2.94 -9.56 21.49
CA LEU A 483 3.75 -10.74 21.79
C LEU A 483 3.04 -11.99 21.31
N ASN A 484 1.75 -12.09 21.61
CA ASN A 484 0.97 -13.24 21.16
C ASN A 484 0.79 -13.35 19.68
N ARG A 485 0.56 -12.21 19.02
CA ARG A 485 0.37 -12.21 17.57
C ARG A 485 1.63 -12.71 16.88
N VAL A 486 2.77 -12.18 17.33
CA VAL A 486 4.06 -12.54 16.77
C VAL A 486 4.32 -14.02 17.02
N ALA A 487 4.09 -14.47 18.26
CA ALA A 487 4.33 -15.87 18.61
C ALA A 487 3.49 -16.83 17.75
N GLY A 488 2.24 -16.46 17.47
CA GLY A 488 1.37 -17.28 16.63
C GLY A 488 1.85 -17.36 15.21
N ALA A 489 2.35 -16.24 14.69
CA ALA A 489 2.92 -16.16 13.36
C ALA A 489 4.19 -17.03 13.24
N LEU A 490 5.09 -16.98 14.22
CA LEU A 490 6.33 -17.78 14.16
C LEU A 490 5.99 -19.25 14.17
N ARG A 491 5.04 -19.65 15.02
CA ARG A 491 4.61 -21.04 15.09
C ARG A 491 3.98 -21.48 13.77
N LYS A 492 3.15 -20.62 13.19
CA LYS A 492 2.43 -20.92 11.94
C LYS A 492 3.41 -21.20 10.81
N LEU A 493 4.42 -20.34 10.69
CA LEU A 493 5.35 -20.37 9.57
C LEU A 493 6.58 -21.24 9.81
N GLY A 494 6.76 -21.66 11.07
CA GLY A 494 7.93 -22.45 11.44
C GLY A 494 9.17 -21.59 11.42
N VAL A 495 9.02 -20.38 11.92
CA VAL A 495 10.14 -19.47 12.15
C VAL A 495 10.68 -19.83 13.53
N PRO A 496 12.01 -20.02 13.67
CA PRO A 496 12.58 -20.32 14.97
C PRO A 496 12.09 -19.32 16.03
N PRO A 497 11.94 -19.77 17.29
CA PRO A 497 11.40 -18.85 18.28
C PRO A 497 12.42 -17.79 18.61
N LEU A 498 11.96 -16.78 19.32
CA LEU A 498 12.75 -15.61 19.64
C LEU A 498 14.09 -15.91 20.35
N ARG A 499 14.08 -16.90 21.24
CA ARG A 499 15.27 -17.48 21.92
C ARG A 499 16.39 -17.74 20.93
N ALA A 500 16.01 -18.40 19.83
CA ALA A 500 16.93 -18.81 18.77
C ALA A 500 17.57 -17.62 18.10
N TRP A 501 16.79 -16.58 17.88
CA TRP A 501 17.37 -15.40 17.27
C TRP A 501 18.21 -14.66 18.27
N ARG A 502 17.83 -14.74 19.54
CA ARG A 502 18.56 -14.06 20.58
C ARG A 502 19.99 -14.55 20.52
N HIS A 503 20.16 -15.76 20.06
CA HIS A 503 21.49 -16.35 19.94
C HIS A 503 22.17 -15.87 18.69
N ARG A 504 21.61 -16.26 17.56
CA ARG A 504 22.14 -15.87 16.28
C ARG A 504 22.54 -14.38 16.27
N ALA A 505 21.68 -13.55 16.89
CA ALA A 505 21.93 -12.11 17.00
C ALA A 505 23.18 -11.81 17.77
N ARG A 506 23.48 -12.58 18.81
CA ARG A 506 24.70 -12.35 19.60
C ARG A 506 25.94 -12.63 18.76
N ALA A 507 25.86 -13.63 17.88
CA ALA A 507 26.95 -13.92 16.96
C ALA A 507 27.12 -12.79 15.92
N VAL A 508 26.02 -12.40 15.27
CA VAL A 508 25.98 -11.28 14.30
C VAL A 508 26.53 -10.01 14.97
N ARG A 509 26.06 -9.75 16.19
CA ARG A 509 26.40 -8.56 16.92
C ARG A 509 27.89 -8.48 17.16
N ALA A 510 28.48 -9.60 17.56
CA ALA A 510 29.92 -9.68 17.85
C ALA A 510 30.74 -9.42 16.60
N LYS A 511 30.36 -10.06 15.48
CA LYS A 511 31.09 -9.86 14.23
C LYS A 511 31.00 -8.42 13.79
N LEU A 512 29.83 -7.79 13.97
CA LEU A 512 29.67 -6.38 13.65
C LEU A 512 30.53 -5.47 14.49
N ILE A 513 30.53 -5.69 15.79
CA ILE A 513 31.29 -4.84 16.72
C ILE A 513 32.78 -4.88 16.44
N ALA A 514 33.28 -6.05 16.00
CA ALA A 514 34.70 -6.25 15.74
C ALA A 514 35.19 -5.44 14.54
N GLN A 515 34.28 -5.04 13.67
CA GLN A 515 34.61 -4.30 12.48
C GLN A 515 34.74 -2.80 12.68
N GLY A 516 34.34 -2.30 13.87
CA GLY A 516 34.39 -0.87 14.19
C GLY A 516 33.64 -0.03 13.19
N GLY A 517 33.83 1.29 13.26
CA GLY A 517 33.16 2.23 12.37
C GLY A 517 31.64 2.07 12.34
N ARG A 518 31.05 2.23 11.15
CA ARG A 518 29.60 2.14 11.01
C ARG A 518 29.10 0.76 11.40
N ALA A 519 29.87 -0.27 11.08
CA ALA A 519 29.48 -1.64 11.39
C ALA A 519 29.28 -1.85 12.89
N LYS A 520 30.21 -1.31 13.68
CA LYS A 520 30.12 -1.41 15.13
C LYS A 520 28.88 -0.70 15.62
N ILE A 521 28.52 0.43 14.99
CA ILE A 521 27.32 1.16 15.37
C ILE A 521 26.09 0.27 15.17
N CYS A 522 26.07 -0.45 14.05
CA CYS A 522 24.98 -1.38 13.77
C CYS A 522 24.88 -2.44 14.86
N GLY A 523 26.03 -3.04 15.21
CA GLY A 523 26.10 -4.08 16.27
C GLY A 523 25.55 -3.55 17.57
N ILE A 524 25.95 -2.33 17.94
CA ILE A 524 25.62 -1.77 19.25
C ILE A 524 24.19 -1.29 19.36
N TYR A 525 23.68 -0.64 18.32
CA TYR A 525 22.34 -0.04 18.36
C TYR A 525 21.25 -1.01 17.94
N LEU A 526 21.43 -1.65 16.80
CA LEU A 526 20.40 -2.56 16.29
C LEU A 526 20.26 -3.86 17.10
N PHE A 527 21.32 -4.29 17.79
CA PHE A 527 21.34 -5.58 18.46
C PHE A 527 21.54 -5.52 19.99
N ASN A 528 21.28 -4.35 20.59
CA ASN A 528 21.49 -4.30 22.04
C ASN A 528 20.44 -5.07 22.85
N TRP A 529 19.30 -5.38 22.23
CA TRP A 529 18.31 -6.27 22.78
C TRP A 529 18.81 -7.71 23.00
N ALA A 530 19.90 -8.10 22.32
CA ALA A 530 20.37 -9.49 22.33
C ALA A 530 21.31 -9.81 23.46
N VAL A 531 21.90 -8.76 24.00
CA VAL A 531 22.84 -8.91 25.07
C VAL A 531 22.28 -8.42 26.41
N LYS A 532 21.62 -7.27 26.42
CA LYS A 532 21.32 -6.57 27.66
C LYS A 532 22.65 -6.22 28.37
N THR A 533 23.39 -5.28 27.79
CA THR A 533 24.59 -4.64 28.37
C THR A 533 24.17 -3.69 29.46
N LYS A 534 22.96 -3.16 29.30
CA LYS A 534 22.45 -1.99 30.00
C LYS A 534 23.27 -0.75 29.65
N LEU A 535 23.64 -0.65 28.38
CA LEU A 535 24.56 0.38 27.91
C LEU A 535 23.77 1.58 27.44
N LYS A 536 24.35 2.75 27.61
CA LYS A 536 23.62 3.97 27.36
C LYS A 536 23.74 4.30 25.87
N LEU A 537 22.63 4.24 25.15
CA LEU A 537 22.66 4.60 23.75
C LEU A 537 22.43 6.10 23.62
N THR A 538 23.44 6.78 23.10
CA THR A 538 23.35 8.21 22.86
C THR A 538 22.92 8.50 21.40
N PRO A 539 22.29 9.67 21.14
CA PRO A 539 21.85 9.96 19.78
C PRO A 539 22.97 9.92 18.75
N LEU A 540 22.70 9.19 17.66
CA LEU A 540 23.56 9.13 16.48
C LEU A 540 23.64 10.50 15.84
N PRO A 541 24.85 10.94 15.52
CA PRO A 541 25.04 12.26 14.93
C PRO A 541 24.71 12.25 13.47
N ALA A 542 24.36 11.09 12.92
CA ALA A 542 24.04 10.96 11.50
C ALA A 542 22.57 11.26 11.22
N ALA A 543 21.69 10.82 12.13
CA ALA A 543 20.24 10.99 12.00
C ALA A 543 19.90 12.47 11.78
N ALA A 544 20.78 13.34 12.28
CA ALA A 544 20.69 14.80 12.18
C ALA A 544 20.59 15.33 10.75
N LYS A 545 21.61 15.05 9.92
CA LYS A 545 21.66 15.63 8.57
C LYS A 545 20.59 15.07 7.59
N LEU A 546 19.83 14.08 8.08
CA LEU A 546 18.89 13.27 7.29
C LEU A 546 17.47 13.79 7.11
N ASP A 547 17.02 13.82 5.86
CA ASP A 547 15.66 14.23 5.59
C ASP A 547 14.89 13.20 4.80
N LEU A 548 13.90 12.64 5.48
CA LEU A 548 13.15 11.53 4.94
C LEU A 548 11.68 11.89 4.79
N SER A 549 11.30 13.13 5.17
CA SER A 549 9.89 13.60 5.11
C SER A 549 9.19 13.31 3.78
N GLY A 550 9.91 13.60 2.68
CA GLY A 550 9.50 13.27 1.31
C GLY A 550 9.18 11.81 1.01
N TRP A 551 9.70 10.91 1.84
CA TRP A 551 9.49 9.46 1.69
C TRP A 551 8.03 9.01 1.78
N PHE A 552 7.23 9.62 2.63
CA PHE A 552 5.83 9.26 2.70
C PHE A 552 4.86 10.43 2.53
N THR A 553 4.98 11.23 1.47
CA THR A 553 4.02 12.36 1.29
C THR A 553 2.91 12.12 0.25
N VAL A 554 3.00 12.71 -0.94
CA VAL A 554 1.88 12.61 -1.90
C VAL A 554 2.01 11.36 -2.77
#